data_9H8Z
#
_entry.id   9H8Z
#
_cell.length_a   42.321
_cell.length_b   90.965
_cell.length_c   94.552
_cell.angle_alpha   90.00
_cell.angle_beta   90.00
_cell.angle_gamma   90.00
#
_symmetry.space_group_name_H-M   'P 21 21 21'
#
loop_
_entity.id
_entity.type
_entity.pdbx_description
1 polymer 'FAD-dependent monooxygenase sorC'
2 non-polymer 'FLAVIN-ADENINE DINUCLEOTIDE'
3 non-polymer (2~{Z})-1-[3,5-dimethyl-2,4-bis(oxidanyl)phenyl]hexa-2,4-dien-1-one
4 water water
#
_entity_poly.entity_id   1
_entity_poly.type   'polypeptide(L)'
_entity_poly.pdbx_seq_one_letter_code
;MTRSANSPFEVAIVGGGITGLALAVGLLKRNVSFTIYERAENFGELGVGITFTPNAQRAMEALDPCVLQSFTNVASAPSG
GTINFVDGVREQGSEDPRTSTAALLFQLHVKGGYKACRRCDFVDQIVQHIPKDCVQYRKWLDSIETDHESGRAVLKFRDG
EIAHADVVIGCDGIRSQVRASMFGTDELCPRAQYSHQLGYRGMVPLAQATAVLGPEKTSSAVLHTGPGAFVLTIPLAEVH
AMHIEAFIMDKEEWPEVQTSSDSKRYVLPATRNEATKAFAEFGPTVRSAVSMFPEKLEKWAVFDMLEAPVPTFAKGRVCL
AGDAAHASTPNQGGGAGFGIEDALVLAEVLAVLAEAPNVSGIVASEALAVYSEVRYERSQWLVRSSRRTGELCTWKDRDW
GLAAEELSRDIISRSHQLWDHDTAGMVSDALAILGERVRGADTAF
;
_entity_poly.pdbx_strand_id   A
#
loop_
_chem_comp.id
_chem_comp.type
_chem_comp.name
_chem_comp.formula
A1ITD non-polymer (2~{Z})-1-[3,5-dimethyl-2,4-bis(oxidanyl)phenyl]hexa-2,4-dien-1-one 'C14 H16 O3'
FAD non-polymer 'FLAVIN-ADENINE DINUCLEOTIDE' 'C27 H33 N9 O15 P2'
#
# COMPACT_ATOMS: atom_id res chain seq x y z
N PRO A 8 -25.73 21.80 0.45
CA PRO A 8 -24.53 21.60 -0.36
C PRO A 8 -23.73 20.37 0.05
N PHE A 9 -22.91 19.91 -0.89
CA PHE A 9 -22.43 18.53 -0.94
C PHE A 9 -21.32 18.31 0.07
N GLU A 10 -21.51 17.34 0.96
CA GLU A 10 -20.56 17.06 2.03
C GLU A 10 -20.07 15.63 1.89
N VAL A 11 -18.74 15.49 1.86
CA VAL A 11 -18.11 14.19 1.84
C VAL A 11 -17.61 13.83 3.23
N ALA A 12 -17.98 12.66 3.74
CA ALA A 12 -17.39 12.14 4.96
C ALA A 12 -16.29 11.16 4.60
N ILE A 13 -15.06 11.47 5.01
CA ILE A 13 -13.92 10.57 4.90
C ILE A 13 -13.76 9.86 6.24
N VAL A 14 -13.86 8.52 6.22
CA VAL A 14 -13.69 7.77 7.44
C VAL A 14 -12.29 7.19 7.43
N GLY A 15 -11.43 7.69 8.32
CA GLY A 15 -10.04 7.25 8.40
C GLY A 15 -9.05 8.23 7.79
N GLY A 16 -8.10 8.67 8.62
CA GLY A 16 -7.05 9.57 8.19
C GLY A 16 -5.74 8.82 8.02
N GLY A 17 -5.79 7.76 7.19
CA GLY A 17 -4.57 7.12 6.71
C GLY A 17 -4.03 7.83 5.48
N ILE A 18 -3.14 7.16 4.75
CA ILE A 18 -2.57 7.75 3.55
C ILE A 18 -3.67 7.99 2.51
N THR A 19 -4.54 6.98 2.29
CA THR A 19 -5.65 7.12 1.35
C THR A 19 -6.52 8.32 1.71
N GLY A 20 -6.98 8.35 2.97
CA GLY A 20 -7.95 9.37 3.40
C GLY A 20 -7.36 10.78 3.37
N LEU A 21 -6.11 10.92 3.81
CA LEU A 21 -5.45 12.22 3.82
C LEU A 21 -5.18 12.71 2.40
N ALA A 22 -4.75 11.80 1.53
CA ALA A 22 -4.52 12.16 0.13
C ALA A 22 -5.81 12.70 -0.52
N LEU A 23 -6.93 11.97 -0.31
CA LEU A 23 -8.23 12.37 -0.80
C LEU A 23 -8.58 13.75 -0.25
N ALA A 24 -8.37 13.90 1.07
CA ALA A 24 -8.72 15.16 1.72
C ALA A 24 -8.03 16.35 1.05
N VAL A 25 -6.73 16.22 0.75
CA VAL A 25 -6.05 17.33 0.10
C VAL A 25 -6.64 17.55 -1.29
N GLY A 26 -6.88 16.44 -2.02
CA GLY A 26 -7.54 16.51 -3.31
C GLY A 26 -8.85 17.31 -3.27
N LEU A 27 -9.69 17.03 -2.26
CA LEU A 27 -10.98 17.71 -2.16
C LEU A 27 -10.80 19.18 -1.80
N LEU A 28 -9.88 19.44 -0.86
CA LEU A 28 -9.58 20.80 -0.42
C LEU A 28 -9.20 21.66 -1.62
N LYS A 29 -8.36 21.13 -2.50
CA LYS A 29 -7.86 21.90 -3.63
C LYS A 29 -8.90 22.08 -4.74
N ARG A 30 -9.98 21.29 -4.69
CA ARG A 30 -11.09 21.40 -5.60
C ARG A 30 -12.31 22.04 -4.96
N ASN A 31 -12.15 22.56 -3.74
CA ASN A 31 -13.20 23.28 -3.05
C ASN A 31 -14.42 22.36 -2.88
N VAL A 32 -14.18 21.12 -2.45
CA VAL A 32 -15.24 20.20 -2.10
C VAL A 32 -15.26 20.07 -0.57
N SER A 33 -16.44 20.27 -0.01
CA SER A 33 -16.64 20.23 1.43
C SER A 33 -16.48 18.80 1.93
N PHE A 34 -15.65 18.63 2.98
CA PHE A 34 -15.45 17.32 3.58
C PHE A 34 -15.13 17.44 5.05
N THR A 35 -15.22 16.29 5.73
CA THR A 35 -14.74 16.11 7.08
C THR A 35 -14.03 14.76 7.15
N ILE A 36 -12.88 14.69 7.84
CA ILE A 36 -12.24 13.42 8.17
C ILE A 36 -12.69 13.05 9.57
N TYR A 37 -13.16 11.82 9.69
CA TYR A 37 -13.48 11.21 10.98
C TYR A 37 -12.43 10.13 11.27
N GLU A 38 -11.65 10.34 12.33
CA GLU A 38 -10.56 9.46 12.69
C GLU A 38 -10.80 8.90 14.07
N ARG A 39 -10.66 7.59 14.24
CA ARG A 39 -10.94 7.03 15.53
C ARG A 39 -9.89 7.37 16.59
N ALA A 40 -8.62 7.52 16.19
CA ALA A 40 -7.53 7.72 17.14
C ALA A 40 -7.49 9.19 17.62
N GLU A 41 -6.70 9.47 18.66
CA GLU A 41 -6.57 10.84 19.19
C GLU A 41 -5.67 11.67 18.28
N ASN A 42 -4.87 10.98 17.47
CA ASN A 42 -3.93 11.61 16.57
C ASN A 42 -3.52 10.53 15.56
N PHE A 43 -2.61 10.85 14.63
CA PHE A 43 -2.29 9.88 13.59
C PHE A 43 -1.14 8.95 13.99
N GLY A 44 -0.71 8.99 15.25
CA GLY A 44 0.25 8.03 15.74
C GLY A 44 1.64 8.24 15.13
N GLU A 45 2.45 7.18 15.09
CA GLU A 45 3.86 7.31 14.79
C GLU A 45 4.40 6.06 14.09
N LEU A 46 3.54 5.31 13.39
CA LEU A 46 3.99 4.09 12.73
C LEU A 46 5.02 4.47 11.66
N GLY A 47 6.23 3.91 11.77
CA GLY A 47 7.36 4.37 10.98
C GLY A 47 7.72 3.42 9.84
N VAL A 48 6.80 2.49 9.53
CA VAL A 48 7.05 1.49 8.50
C VAL A 48 7.45 2.16 7.21
N GLY A 49 8.41 1.56 6.51
CA GLY A 49 8.80 2.01 5.20
C GLY A 49 7.79 1.55 4.14
N ILE A 50 7.31 2.51 3.34
CA ILE A 50 6.47 2.22 2.19
C ILE A 50 7.16 2.75 0.95
N THR A 51 7.21 1.91 -0.08
CA THR A 51 7.78 2.24 -1.37
C THR A 51 6.65 2.63 -2.31
N PHE A 52 6.72 3.83 -2.87
CA PHE A 52 5.74 4.29 -3.82
C PHE A 52 6.30 4.21 -5.23
N THR A 53 5.47 3.64 -6.10
CA THR A 53 5.82 3.38 -7.48
C THR A 53 5.39 4.53 -8.39
N PRO A 54 5.86 4.57 -9.65
CA PRO A 54 5.64 5.72 -10.53
C PRO A 54 4.17 6.10 -10.69
N ASN A 55 3.31 5.08 -10.79
CA ASN A 55 1.86 5.29 -10.89
C ASN A 55 1.36 6.06 -9.68
N ALA A 56 1.84 5.72 -8.48
CA ALA A 56 1.39 6.37 -7.27
C ALA A 56 1.86 7.82 -7.22
N GLN A 57 3.10 8.07 -7.66
CA GLN A 57 3.62 9.42 -7.71
C GLN A 57 2.85 10.32 -8.68
N ARG A 58 2.49 9.82 -9.89
CA ARG A 58 1.65 10.55 -10.83
C ARG A 58 0.31 10.89 -10.19
N ALA A 59 -0.27 9.94 -9.46
CA ALA A 59 -1.57 10.14 -8.85
C ALA A 59 -1.47 11.21 -7.77
N MET A 60 -0.36 11.21 -7.02
CA MET A 60 -0.11 12.22 -6.00
C MET A 60 -0.10 13.60 -6.64
N GLU A 61 0.56 13.73 -7.78
CA GLU A 61 0.68 15.05 -8.42
C GLU A 61 -0.68 15.52 -8.96
N ALA A 62 -1.45 14.58 -9.50
CA ALA A 62 -2.74 14.89 -10.11
C ALA A 62 -3.72 15.30 -9.01
N LEU A 63 -3.58 14.74 -7.80
CA LEU A 63 -4.38 15.16 -6.67
C LEU A 63 -4.10 16.63 -6.40
N ASP A 64 -2.82 16.93 -6.22
CA ASP A 64 -2.33 18.29 -6.12
C ASP A 64 -0.82 18.25 -6.02
N PRO A 65 -0.09 19.20 -6.64
CA PRO A 65 1.36 19.26 -6.49
C PRO A 65 1.82 19.15 -5.04
N CYS A 66 1.01 19.63 -4.06
CA CYS A 66 1.48 19.58 -2.68
C CYS A 66 1.46 18.17 -2.10
N VAL A 67 0.64 17.28 -2.68
CA VAL A 67 0.65 15.89 -2.23
C VAL A 67 1.97 15.27 -2.67
N LEU A 68 2.34 15.44 -3.94
CA LEU A 68 3.63 14.87 -4.38
C LEU A 68 4.78 15.52 -3.60
N GLN A 69 4.68 16.83 -3.38
CA GLN A 69 5.70 17.58 -2.64
C GLN A 69 5.89 17.04 -1.22
N SER A 70 4.76 16.76 -0.54
CA SER A 70 4.70 16.22 0.81
C SER A 70 5.48 14.92 0.86
N PHE A 71 5.36 14.14 -0.21
CA PHE A 71 6.06 12.88 -0.34
C PHE A 71 7.55 13.10 -0.64
N THR A 72 7.88 13.90 -1.65
CA THR A 72 9.25 14.05 -2.08
C THR A 72 10.08 14.70 -0.96
N ASN A 73 9.45 15.59 -0.17
CA ASN A 73 10.07 16.25 0.98
C ASN A 73 10.70 15.24 1.93
N VAL A 74 10.14 14.02 2.00
CA VAL A 74 10.54 13.05 3.00
C VAL A 74 11.03 11.74 2.40
N ALA A 75 10.95 11.58 1.08
CA ALA A 75 11.26 10.28 0.49
C ALA A 75 12.75 10.18 0.16
N SER A 76 13.29 8.95 0.17
CA SER A 76 14.66 8.69 -0.27
C SER A 76 14.65 7.87 -1.55
N ALA A 77 15.45 8.35 -2.53
CA ALA A 77 15.77 7.66 -3.76
C ALA A 77 16.87 6.62 -3.52
N PRO A 78 16.77 5.42 -4.10
CA PRO A 78 17.88 4.47 -4.01
C PRO A 78 19.00 4.95 -4.93
N SER A 79 20.20 4.44 -4.72
CA SER A 79 21.40 5.06 -5.27
C SER A 79 21.36 4.95 -6.79
N GLY A 80 21.14 3.72 -7.27
CA GLY A 80 20.79 3.44 -8.65
C GLY A 80 19.32 3.02 -8.67
N GLY A 81 18.67 3.20 -9.83
CA GLY A 81 17.22 3.26 -9.91
C GLY A 81 16.60 1.99 -10.51
N THR A 82 17.45 1.04 -10.88
CA THR A 82 17.04 -0.24 -11.44
C THR A 82 17.06 -1.27 -10.32
N ILE A 83 16.16 -2.25 -10.38
CA ILE A 83 16.16 -3.33 -9.41
C ILE A 83 16.75 -4.57 -10.10
N ASN A 84 17.88 -5.04 -9.57
CA ASN A 84 18.54 -6.25 -10.06
C ASN A 84 17.89 -7.45 -9.36
N PHE A 85 17.30 -8.35 -10.15
CA PHE A 85 16.83 -9.64 -9.67
C PHE A 85 17.99 -10.62 -9.75
N VAL A 86 18.34 -11.22 -8.60
CA VAL A 86 19.42 -12.18 -8.59
C VAL A 86 18.92 -13.50 -8.02
N ASP A 87 19.68 -14.54 -8.34
CA ASP A 87 19.55 -15.85 -7.72
C ASP A 87 20.38 -15.87 -6.45
N GLY A 88 19.69 -15.83 -5.30
CA GLY A 88 20.36 -15.59 -4.04
C GLY A 88 21.05 -16.85 -3.52
N VAL A 89 20.79 -17.99 -4.16
CA VAL A 89 21.47 -19.25 -3.82
C VAL A 89 22.78 -19.44 -4.62
N ARG A 90 22.77 -19.14 -5.93
CA ARG A 90 23.86 -19.55 -6.83
C ARG A 90 24.87 -18.44 -7.09
N GLU A 91 25.01 -17.52 -6.13
CA GLU A 91 26.13 -16.60 -6.05
C GLU A 91 27.43 -17.40 -6.19
N GLN A 92 28.32 -16.92 -7.07
CA GLN A 92 29.51 -17.67 -7.43
C GLN A 92 30.74 -16.92 -6.95
N GLY A 93 31.87 -17.61 -6.81
CA GLY A 93 33.18 -16.99 -6.93
C GLY A 93 33.95 -16.92 -5.62
N SER A 94 33.23 -16.86 -4.50
CA SER A 94 33.85 -16.72 -3.19
C SER A 94 32.79 -16.81 -2.10
N GLU A 95 33.24 -17.05 -0.86
CA GLU A 95 32.39 -17.11 0.32
C GLU A 95 32.38 -15.76 1.04
N ASP A 96 33.22 -14.84 0.55
CA ASP A 96 33.24 -13.45 1.00
C ASP A 96 32.44 -12.63 -0.01
N PRO A 97 31.30 -12.00 0.36
CA PRO A 97 30.46 -11.37 -0.65
C PRO A 97 31.27 -10.32 -1.41
N ARG A 98 32.31 -9.75 -0.78
CA ARG A 98 33.09 -8.70 -1.42
C ARG A 98 33.79 -9.21 -2.69
N THR A 99 34.04 -10.52 -2.76
CA THR A 99 34.81 -11.10 -3.85
C THR A 99 33.93 -11.99 -4.72
N SER A 100 32.66 -12.16 -4.34
CA SER A 100 31.73 -13.01 -5.07
C SER A 100 31.12 -12.25 -6.25
N THR A 101 30.55 -13.00 -7.20
CA THR A 101 29.78 -12.46 -8.30
C THR A 101 28.30 -12.79 -8.06
N ALA A 102 27.45 -11.77 -7.99
CA ALA A 102 26.00 -11.97 -7.90
C ALA A 102 25.52 -12.75 -9.12
N ALA A 103 24.56 -13.66 -8.94
CA ALA A 103 23.99 -14.43 -10.04
C ALA A 103 22.79 -13.67 -10.59
N LEU A 104 23.08 -12.76 -11.50
CA LEU A 104 22.07 -11.85 -11.99
C LEU A 104 21.13 -12.60 -12.89
N LEU A 105 19.84 -12.37 -12.69
CA LEU A 105 18.79 -12.94 -13.53
C LEU A 105 18.36 -11.90 -14.55
N PHE A 106 18.00 -10.71 -14.08
CA PHE A 106 17.54 -9.69 -15.02
C PHE A 106 17.44 -8.37 -14.27
N GLN A 107 17.32 -7.28 -15.03
CA GLN A 107 17.26 -5.96 -14.43
C GLN A 107 15.89 -5.38 -14.71
N LEU A 108 15.25 -4.84 -13.67
CA LEU A 108 13.95 -4.24 -13.82
C LEU A 108 14.15 -2.73 -13.79
N HIS A 109 13.93 -2.07 -14.92
CA HIS A 109 14.06 -0.62 -14.96
C HIS A 109 12.69 0.01 -14.71
N VAL A 110 12.67 0.95 -13.78
CA VAL A 110 11.46 1.62 -13.39
C VAL A 110 11.38 2.90 -14.19
N LYS A 111 10.23 3.17 -14.79
CA LYS A 111 10.06 4.41 -15.55
C LYS A 111 9.29 5.38 -14.65
N GLY A 112 9.91 6.51 -14.31
CA GLY A 112 9.27 7.55 -13.52
C GLY A 112 9.54 7.39 -12.02
N GLY A 113 10.51 6.54 -11.66
CA GLY A 113 11.11 6.51 -10.32
C GLY A 113 10.27 5.80 -9.24
N TYR A 114 10.97 5.12 -8.34
CA TYR A 114 10.38 4.70 -7.08
C TYR A 114 11.16 5.36 -5.95
N LYS A 115 10.44 5.66 -4.87
CA LYS A 115 11.06 6.17 -3.66
C LYS A 115 10.35 5.51 -2.50
N ALA A 116 11.03 5.53 -1.36
CA ALA A 116 10.52 4.99 -0.12
C ALA A 116 10.45 6.10 0.90
N CYS A 117 9.51 5.99 1.82
CA CYS A 117 9.49 6.92 2.94
C CYS A 117 8.97 6.19 4.16
N ARG A 118 9.13 6.83 5.31
CA ARG A 118 8.50 6.36 6.53
C ARG A 118 7.07 6.91 6.50
N ARG A 119 6.12 6.04 6.86
CA ARG A 119 4.69 6.34 6.79
C ARG A 119 4.40 7.59 7.61
N CYS A 120 4.97 7.66 8.83
CA CYS A 120 4.71 8.76 9.76
C CYS A 120 5.20 10.08 9.19
N ASP A 121 6.29 10.05 8.41
CA ASP A 121 6.89 11.24 7.82
C ASP A 121 5.98 11.81 6.74
N PHE A 122 5.44 10.93 5.89
CA PHE A 122 4.54 11.36 4.84
C PHE A 122 3.22 11.89 5.42
N VAL A 123 2.66 11.17 6.40
CA VAL A 123 1.46 11.63 7.07
C VAL A 123 1.67 13.03 7.66
N ASP A 124 2.77 13.23 8.37
CA ASP A 124 3.05 14.51 8.99
C ASP A 124 3.07 15.61 7.94
N GLN A 125 3.66 15.34 6.76
CA GLN A 125 3.73 16.31 5.69
C GLN A 125 2.33 16.63 5.17
N ILE A 126 1.55 15.61 4.81
CA ILE A 126 0.25 15.84 4.18
C ILE A 126 -0.66 16.59 5.16
N VAL A 127 -0.61 16.19 6.43
CA VAL A 127 -1.49 16.78 7.43
C VAL A 127 -1.29 18.30 7.52
N GLN A 128 -0.08 18.80 7.19
CA GLN A 128 0.19 20.24 7.26
C GLN A 128 -0.66 20.99 6.23
N HIS A 129 -1.18 20.30 5.21
CA HIS A 129 -1.97 20.94 4.17
C HIS A 129 -3.47 20.81 4.43
N ILE A 130 -3.86 20.23 5.57
CA ILE A 130 -5.28 20.04 5.88
C ILE A 130 -5.62 20.91 7.08
N PRO A 131 -6.64 21.75 7.02
CA PRO A 131 -7.02 22.54 8.19
C PRO A 131 -7.40 21.65 9.35
N LYS A 132 -6.98 22.02 10.57
CA LYS A 132 -7.19 21.22 11.76
C LYS A 132 -8.69 20.99 11.98
N ASP A 133 -9.53 21.95 11.59
CA ASP A 133 -10.95 21.85 11.89
C ASP A 133 -11.64 20.87 10.94
N CYS A 134 -10.93 20.43 9.89
CA CYS A 134 -11.51 19.48 8.94
C CYS A 134 -11.31 18.05 9.47
N VAL A 135 -10.56 17.87 10.56
CA VAL A 135 -10.31 16.56 11.12
C VAL A 135 -11.03 16.46 12.47
N GLN A 136 -11.83 15.40 12.66
CA GLN A 136 -12.46 15.14 13.94
C GLN A 136 -11.87 13.85 14.50
N TYR A 137 -11.07 13.99 15.57
CA TYR A 137 -10.43 12.86 16.22
C TYR A 137 -11.39 12.26 17.25
N ARG A 138 -11.09 11.06 17.73
CA ARG A 138 -11.97 10.31 18.64
C ARG A 138 -13.35 10.07 18.02
N LYS A 139 -13.40 9.89 16.69
CA LYS A 139 -14.63 9.63 16.00
C LYS A 139 -14.50 8.26 15.35
N TRP A 140 -14.87 7.26 16.13
CA TRP A 140 -14.75 5.86 15.76
C TRP A 140 -16.07 5.42 15.14
N LEU A 141 -16.08 5.36 13.80
CA LEU A 141 -17.27 4.98 13.05
C LEU A 141 -17.71 3.58 13.47
N ASP A 142 -18.98 3.40 13.77
CA ASP A 142 -19.51 2.10 14.16
C ASP A 142 -20.62 1.63 13.23
N SER A 143 -21.47 2.54 12.75
CA SER A 143 -22.46 2.15 11.76
C SER A 143 -22.86 3.36 10.90
N ILE A 144 -23.59 3.05 9.82
CA ILE A 144 -24.15 4.01 8.89
C ILE A 144 -25.63 3.69 8.66
N GLU A 145 -26.47 4.73 8.74
CA GLU A 145 -27.88 4.58 8.44
C GLU A 145 -28.28 5.64 7.43
N THR A 146 -29.53 5.56 6.95
CA THR A 146 -30.10 6.56 6.04
C THR A 146 -31.03 7.47 6.85
N ASP A 147 -30.93 8.77 6.62
CA ASP A 147 -31.81 9.71 7.30
C ASP A 147 -33.20 9.55 6.68
N HIS A 148 -34.22 9.32 7.51
CA HIS A 148 -35.57 9.12 7.01
C HIS A 148 -36.04 10.39 6.31
N GLU A 149 -35.82 11.54 6.96
CA GLU A 149 -36.30 12.83 6.49
C GLU A 149 -35.58 13.25 5.20
N SER A 150 -34.24 13.14 5.16
CA SER A 150 -33.47 13.69 4.05
C SER A 150 -32.95 12.62 3.09
N GLY A 151 -32.83 11.36 3.53
CA GLY A 151 -32.23 10.33 2.69
C GLY A 151 -30.70 10.40 2.66
N ARG A 152 -30.10 11.34 3.41
CA ARG A 152 -28.64 11.47 3.46
C ARG A 152 -28.06 10.41 4.38
N ALA A 153 -26.75 10.20 4.28
CA ALA A 153 -26.11 9.21 5.11
C ALA A 153 -25.96 9.77 6.52
N VAL A 154 -26.11 8.87 7.51
CA VAL A 154 -25.96 9.16 8.91
C VAL A 154 -24.85 8.28 9.46
N LEU A 155 -23.72 8.90 9.82
CA LEU A 155 -22.63 8.17 10.46
C LEU A 155 -22.88 8.12 11.97
N LYS A 156 -22.77 6.94 12.58
CA LYS A 156 -22.91 6.77 14.01
C LYS A 156 -21.58 6.31 14.61
N PHE A 157 -21.09 7.06 15.62
CA PHE A 157 -19.79 6.77 16.21
C PHE A 157 -19.92 6.07 17.57
N ARG A 158 -18.79 5.51 18.02
CA ARG A 158 -18.76 4.80 19.31
C ARG A 158 -19.04 5.71 20.51
N ASP A 159 -18.82 7.01 20.37
CA ASP A 159 -19.10 7.97 21.43
C ASP A 159 -20.59 8.33 21.53
N GLY A 160 -21.42 7.79 20.63
CA GLY A 160 -22.87 7.97 20.67
C GLY A 160 -23.35 9.12 19.80
N GLU A 161 -22.43 9.89 19.20
CA GLU A 161 -22.76 11.05 18.39
CA GLU A 161 -22.78 11.04 18.38
C GLU A 161 -22.98 10.60 16.94
N ILE A 162 -23.61 11.46 16.14
CA ILE A 162 -23.85 11.19 14.74
C ILE A 162 -23.30 12.35 13.92
N ALA A 163 -23.21 12.11 12.62
CA ALA A 163 -22.92 13.15 11.65
C ALA A 163 -23.62 12.77 10.34
N HIS A 164 -23.79 13.76 9.45
CA HIS A 164 -24.50 13.56 8.21
C HIS A 164 -23.55 13.84 7.05
N ALA A 165 -23.79 13.17 5.91
CA ALA A 165 -23.00 13.39 4.72
C ALA A 165 -23.79 12.95 3.50
N ASP A 166 -23.38 13.44 2.32
CA ASP A 166 -23.98 13.03 1.07
C ASP A 166 -23.34 11.72 0.60
N VAL A 167 -22.05 11.53 0.91
CA VAL A 167 -21.32 10.32 0.55
C VAL A 167 -20.38 9.99 1.70
N VAL A 168 -20.10 8.69 1.85
CA VAL A 168 -19.24 8.20 2.90
C VAL A 168 -18.12 7.41 2.22
N ILE A 169 -16.89 7.82 2.49
CA ILE A 169 -15.71 7.20 1.87
C ILE A 169 -14.97 6.45 2.97
N GLY A 170 -15.01 5.10 2.86
CA GLY A 170 -14.31 4.25 3.79
C GLY A 170 -12.84 4.17 3.45
N CYS A 171 -12.03 4.98 4.17
CA CYS A 171 -10.59 5.01 4.02
C CYS A 171 -9.97 4.47 5.31
N ASP A 172 -10.66 3.50 5.92
CA ASP A 172 -10.46 3.09 7.29
C ASP A 172 -9.66 1.80 7.38
N GLY A 173 -8.97 1.44 6.30
CA GLY A 173 -7.88 0.45 6.38
C GLY A 173 -8.34 -1.00 6.23
N ILE A 174 -7.37 -1.90 6.51
CA ILE A 174 -7.52 -3.31 6.28
C ILE A 174 -8.68 -3.96 7.06
N ARG A 175 -9.07 -3.38 8.21
CA ARG A 175 -10.18 -3.90 8.99
C ARG A 175 -11.29 -2.85 9.03
N SER A 176 -11.57 -2.30 7.85
CA SER A 176 -12.59 -1.27 7.62
C SER A 176 -13.94 -1.61 8.24
N GLN A 177 -14.46 -0.66 9.05
CA GLN A 177 -15.82 -0.71 9.55
C GLN A 177 -16.80 -0.30 8.46
N VAL A 178 -16.39 0.60 7.57
CA VAL A 178 -17.29 0.96 6.44
C VAL A 178 -17.57 -0.31 5.59
N ARG A 179 -16.55 -1.13 5.34
CA ARG A 179 -16.73 -2.39 4.58
C ARG A 179 -17.74 -3.29 5.29
N ALA A 180 -17.63 -3.39 6.61
CA ALA A 180 -18.58 -4.19 7.41
C ALA A 180 -19.99 -3.65 7.20
N SER A 181 -20.11 -2.32 7.20
CA SER A 181 -21.43 -1.74 6.98
C SER A 181 -22.02 -2.16 5.63
N MET A 182 -21.17 -2.28 4.61
CA MET A 182 -21.62 -2.57 3.27
C MET A 182 -21.93 -4.06 3.09
N PHE A 183 -21.08 -4.93 3.63
CA PHE A 183 -21.11 -6.34 3.31
C PHE A 183 -21.18 -7.29 4.53
N GLY A 184 -21.02 -6.82 5.77
CA GLY A 184 -21.05 -7.65 6.98
C GLY A 184 -19.65 -8.18 7.34
N THR A 185 -19.51 -8.80 8.51
CA THR A 185 -18.20 -9.30 8.99
C THR A 185 -18.33 -10.73 9.54
N ASP A 186 -19.20 -11.54 8.96
CA ASP A 186 -19.29 -12.97 9.36
C ASP A 186 -18.07 -13.72 8.83
N GLU A 187 -18.05 -15.04 8.98
CA GLU A 187 -16.86 -15.84 8.57
C GLU A 187 -16.76 -15.91 7.05
N LEU A 188 -17.86 -15.69 6.33
CA LEU A 188 -17.79 -15.82 4.88
C LEU A 188 -17.69 -14.44 4.20
N CYS A 189 -17.64 -13.36 4.99
CA CYS A 189 -17.80 -12.02 4.44
C CYS A 189 -16.47 -11.54 3.86
N PRO A 190 -16.45 -10.50 3.01
CA PRO A 190 -15.17 -9.96 2.50
C PRO A 190 -14.30 -9.54 3.67
N ARG A 191 -13.01 -9.87 3.58
CA ARG A 191 -12.06 -9.54 4.62
C ARG A 191 -10.65 -9.87 4.14
N ALA A 192 -9.65 -9.29 4.82
CA ALA A 192 -8.25 -9.63 4.62
C ALA A 192 -7.89 -10.88 5.40
N GLN A 193 -7.11 -11.75 4.75
CA GLN A 193 -6.65 -12.97 5.39
C GLN A 193 -5.13 -13.09 5.17
N TYR A 194 -4.48 -13.98 5.90
CA TYR A 194 -3.04 -14.06 5.86
C TYR A 194 -2.59 -14.53 4.48
N SER A 195 -1.60 -13.84 3.94
CA SER A 195 -1.04 -14.13 2.63
C SER A 195 0.11 -15.14 2.70
N HIS A 196 0.46 -15.63 3.88
CA HIS A 196 1.52 -16.61 4.04
C HIS A 196 2.92 -16.01 3.78
N GLN A 197 3.07 -14.74 4.06
CA GLN A 197 4.29 -14.00 3.86
C GLN A 197 4.55 -13.17 5.10
N LEU A 198 5.76 -13.35 5.67
CA LEU A 198 6.20 -12.73 6.91
C LEU A 198 7.41 -11.84 6.63
N GLY A 199 7.33 -10.58 7.02
CA GLY A 199 8.33 -9.58 6.73
C GLY A 199 9.21 -9.29 7.95
N TYR A 200 10.52 -9.28 7.70
CA TYR A 200 11.54 -8.90 8.67
C TYR A 200 12.30 -7.73 8.08
N ARG A 201 12.36 -6.65 8.83
CA ARG A 201 12.94 -5.41 8.26
C ARG A 201 13.97 -4.77 9.17
N GLY A 202 14.95 -4.13 8.55
CA GLY A 202 16.03 -3.47 9.27
C GLY A 202 16.71 -2.41 8.43
N MET A 203 17.37 -1.46 9.12
CA MET A 203 18.10 -0.37 8.52
C MET A 203 19.48 -0.38 9.17
N VAL A 204 20.54 -0.33 8.36
CA VAL A 204 21.89 -0.23 8.87
C VAL A 204 22.58 0.91 8.13
N PRO A 205 23.73 1.43 8.63
CA PRO A 205 24.47 2.44 7.88
C PRO A 205 24.91 1.87 6.54
N LEU A 206 24.77 2.66 5.50
CA LEU A 206 25.19 2.22 4.18
C LEU A 206 26.68 1.85 4.20
N ALA A 207 27.47 2.54 5.02
CA ALA A 207 28.91 2.27 5.12
C ALA A 207 29.16 0.87 5.67
N GLN A 208 28.31 0.42 6.62
CA GLN A 208 28.39 -0.92 7.16
C GLN A 208 28.11 -1.95 6.06
N ALA A 209 26.98 -1.79 5.35
CA ALA A 209 26.65 -2.69 4.25
C ALA A 209 27.79 -2.75 3.24
N THR A 210 28.34 -1.59 2.88
CA THR A 210 29.41 -1.54 1.89
C THR A 210 30.65 -2.28 2.40
N ALA A 211 30.97 -2.09 3.69
CA ALA A 211 32.13 -2.73 4.31
C ALA A 211 32.01 -4.24 4.24
N VAL A 212 30.78 -4.75 4.43
CA VAL A 212 30.48 -6.16 4.58
C VAL A 212 30.27 -6.81 3.21
N LEU A 213 29.59 -6.13 2.28
CA LEU A 213 29.17 -6.71 1.01
C LEU A 213 30.04 -6.26 -0.16
N GLY A 214 30.68 -5.10 -0.04
CA GLY A 214 31.41 -4.48 -1.15
C GLY A 214 30.50 -3.50 -1.89
N PRO A 215 31.06 -2.45 -2.52
CA PRO A 215 30.22 -1.41 -3.13
C PRO A 215 29.49 -1.84 -4.40
N GLU A 216 29.94 -2.93 -5.03
CA GLU A 216 29.29 -3.50 -6.20
C GLU A 216 27.87 -3.95 -5.81
N LYS A 217 27.74 -4.45 -4.57
CA LYS A 217 26.47 -5.01 -4.13
C LYS A 217 25.61 -4.02 -3.37
N THR A 218 26.10 -2.78 -3.22
CA THR A 218 25.35 -1.77 -2.49
C THR A 218 25.11 -0.57 -3.40
N SER A 219 25.34 -0.75 -4.70
CA SER A 219 25.29 0.33 -5.67
C SER A 219 23.90 0.48 -6.25
N SER A 220 23.02 -0.53 -6.05
CA SER A 220 21.62 -0.45 -6.48
C SER A 220 20.76 -1.38 -5.64
N ALA A 221 19.44 -1.22 -5.77
CA ALA A 221 18.50 -2.16 -5.17
C ALA A 221 18.74 -3.55 -5.78
N VAL A 222 18.70 -4.58 -4.92
CA VAL A 222 18.83 -5.96 -5.36
C VAL A 222 17.73 -6.76 -4.67
N LEU A 223 17.03 -7.56 -5.47
CA LEU A 223 16.06 -8.49 -4.95
C LEU A 223 16.63 -9.90 -5.11
N HIS A 224 16.90 -10.56 -3.97
CA HIS A 224 17.57 -11.84 -3.94
C HIS A 224 16.52 -12.94 -3.82
N THR A 225 16.34 -13.72 -4.91
CA THR A 225 15.26 -14.71 -4.98
C THR A 225 15.87 -16.02 -4.47
N GLY A 226 14.98 -16.91 -4.07
CA GLY A 226 15.43 -18.23 -3.63
C GLY A 226 14.28 -19.04 -3.07
N PRO A 227 14.58 -20.24 -2.54
CA PRO A 227 13.54 -21.18 -2.13
C PRO A 227 12.88 -20.79 -0.81
N GLY A 228 11.61 -20.39 -0.90
CA GLY A 228 10.73 -20.19 0.23
C GLY A 228 10.86 -18.82 0.88
N ALA A 229 11.72 -17.95 0.33
CA ALA A 229 12.05 -16.69 0.98
C ALA A 229 12.80 -15.80 0.01
N PHE A 230 12.73 -14.47 0.22
CA PHE A 230 13.55 -13.57 -0.59
C PHE A 230 13.99 -12.40 0.26
N VAL A 231 15.04 -11.70 -0.19
CA VAL A 231 15.56 -10.52 0.48
C VAL A 231 15.64 -9.35 -0.49
N LEU A 232 15.30 -8.15 -0.03
CA LEU A 232 15.55 -6.93 -0.77
C LEU A 232 16.61 -6.13 -0.04
N THR A 233 17.67 -5.74 -0.75
CA THR A 233 18.62 -4.81 -0.21
C THR A 233 18.51 -3.54 -1.02
N ILE A 234 18.22 -2.43 -0.34
CA ILE A 234 17.86 -1.19 -0.99
C ILE A 234 18.76 -0.09 -0.45
N PRO A 235 19.80 0.36 -1.19
CA PRO A 235 20.65 1.46 -0.72
C PRO A 235 20.01 2.84 -0.86
N LEU A 236 19.93 3.56 0.27
CA LEU A 236 19.28 4.88 0.34
C LEU A 236 20.34 5.93 0.67
N ALA A 237 21.07 6.39 -0.36
CA ALA A 237 22.32 7.12 -0.20
C ALA A 237 22.10 8.44 0.53
N GLU A 238 20.87 8.97 0.51
CA GLU A 238 20.61 10.32 0.99
C GLU A 238 20.35 10.32 2.50
N VAL A 239 20.09 9.16 3.11
CA VAL A 239 20.09 9.09 4.55
C VAL A 239 21.24 8.17 5.02
N HIS A 240 22.12 7.79 4.07
CA HIS A 240 23.33 7.02 4.36
C HIS A 240 22.94 5.71 5.03
N ALA A 241 21.84 5.11 4.56
CA ALA A 241 21.33 3.86 5.09
C ALA A 241 21.25 2.78 4.01
N MET A 242 21.30 1.53 4.49
CA MET A 242 20.87 0.37 3.73
C MET A 242 19.65 -0.21 4.41
N HIS A 243 18.56 -0.29 3.63
CA HIS A 243 17.34 -0.94 4.08
C HIS A 243 17.37 -2.41 3.66
N ILE A 244 17.23 -3.30 4.64
CA ILE A 244 17.16 -4.72 4.40
C ILE A 244 15.77 -5.25 4.75
N GLU A 245 15.15 -5.93 3.78
CA GLU A 245 13.81 -6.44 3.94
C GLU A 245 13.81 -7.91 3.55
N ALA A 246 13.41 -8.78 4.48
CA ALA A 246 13.34 -10.20 4.19
C ALA A 246 11.89 -10.64 4.32
N PHE A 247 11.44 -11.45 3.37
CA PHE A 247 10.11 -12.04 3.39
C PHE A 247 10.25 -13.53 3.38
N ILE A 248 9.65 -14.18 4.38
CA ILE A 248 9.68 -15.62 4.48
C ILE A 248 8.27 -16.16 4.29
N MET A 249 8.12 -17.13 3.40
CA MET A 249 6.83 -17.76 3.15
C MET A 249 6.53 -18.78 4.23
N ASP A 250 5.29 -18.75 4.71
CA ASP A 250 4.87 -19.41 5.95
C ASP A 250 3.59 -20.17 5.64
N LYS A 251 3.67 -21.48 5.40
CA LYS A 251 2.47 -22.25 5.05
C LYS A 251 1.53 -22.35 6.26
N GLU A 252 1.98 -21.95 7.45
CA GLU A 252 1.14 -21.92 8.65
C GLU A 252 0.03 -20.87 8.52
N GLU A 253 -0.98 -20.95 9.38
CA GLU A 253 -1.92 -19.83 9.56
C GLU A 253 -1.35 -18.86 10.60
N TRP A 254 -1.85 -17.62 10.62
CA TRP A 254 -1.34 -16.64 11.56
C TRP A 254 -2.19 -16.74 12.83
N PRO A 255 -1.57 -16.78 14.04
CA PRO A 255 -2.34 -16.86 15.28
C PRO A 255 -3.31 -15.68 15.36
N GLU A 256 -4.60 -15.99 15.61
CA GLU A 256 -5.66 -15.00 15.69
C GLU A 256 -5.55 -14.29 17.05
N VAL A 257 -5.56 -12.94 17.04
CA VAL A 257 -5.65 -12.17 18.28
C VAL A 257 -6.80 -11.18 18.09
N GLN A 258 -7.61 -11.02 19.16
CA GLN A 258 -8.73 -10.07 19.17
C GLN A 258 -8.25 -8.74 19.71
N THR A 259 -8.16 -7.73 18.83
CA THR A 259 -7.54 -6.47 19.20
C THR A 259 -7.89 -5.39 18.18
N SER A 260 -8.05 -4.15 18.66
CA SER A 260 -8.29 -3.00 17.82
C SER A 260 -7.01 -2.55 17.11
N SER A 261 -5.85 -3.01 17.61
CA SER A 261 -4.58 -2.51 17.10
C SER A 261 -4.08 -3.40 15.97
N ASP A 262 -3.83 -2.82 14.79
CA ASP A 262 -3.24 -3.56 13.67
C ASP A 262 -1.83 -4.06 14.00
N SER A 263 -1.06 -3.26 14.76
CA SER A 263 0.27 -3.69 15.19
C SER A 263 0.17 -4.98 16.01
N LYS A 264 -0.81 -5.03 16.91
CA LYS A 264 -1.02 -6.22 17.74
C LYS A 264 -1.63 -7.36 16.91
N ARG A 265 -2.44 -7.00 15.91
CA ARG A 265 -3.09 -8.02 15.09
C ARG A 265 -2.06 -8.69 14.18
N TYR A 266 -1.10 -7.91 13.64
CA TYR A 266 -0.32 -8.37 12.50
C TYR A 266 1.19 -8.47 12.77
N VAL A 267 1.62 -8.29 14.03
CA VAL A 267 3.04 -8.25 14.34
C VAL A 267 3.28 -9.17 15.54
N LEU A 268 4.42 -9.84 15.49
CA LEU A 268 4.84 -10.68 16.60
C LEU A 268 6.33 -10.44 16.82
N PRO A 269 6.81 -10.55 18.08
CA PRO A 269 8.25 -10.62 18.35
C PRO A 269 8.89 -11.76 17.55
N ALA A 270 10.14 -11.53 17.12
CA ALA A 270 10.93 -12.57 16.49
C ALA A 270 12.40 -12.47 16.93
N THR A 271 13.20 -13.45 16.47
CA THR A 271 14.64 -13.35 16.59
C THR A 271 15.24 -13.49 15.20
N ARG A 272 16.46 -12.96 15.09
CA ARG A 272 17.27 -13.03 13.88
C ARG A 272 17.46 -14.48 13.47
N ASN A 273 17.48 -15.41 14.45
CA ASN A 273 17.68 -16.81 14.11
C ASN A 273 16.63 -17.34 13.12
N GLU A 274 15.38 -16.85 13.20
CA GLU A 274 14.35 -17.31 12.29
C GLU A 274 14.75 -17.00 10.85
N ALA A 275 15.36 -15.84 10.64
CA ALA A 275 15.82 -15.47 9.32
C ALA A 275 17.08 -16.26 8.96
N THR A 276 17.96 -16.41 9.95
CA THR A 276 19.22 -17.09 9.70
C THR A 276 18.88 -18.46 9.15
N LYS A 277 17.92 -19.15 9.82
CA LYS A 277 17.56 -20.51 9.47
C LYS A 277 16.89 -20.56 8.10
N ALA A 278 16.04 -19.57 7.81
CA ALA A 278 15.30 -19.52 6.57
C ALA A 278 16.23 -19.39 5.37
N PHE A 279 17.37 -18.71 5.54
CA PHE A 279 18.25 -18.40 4.44
C PHE A 279 19.55 -19.21 4.53
N ALA A 280 19.58 -20.28 5.33
CA ALA A 280 20.81 -21.06 5.50
C ALA A 280 21.33 -21.65 4.20
N GLU A 281 20.45 -21.98 3.25
CA GLU A 281 20.88 -22.61 2.01
C GLU A 281 21.17 -21.55 0.94
N PHE A 282 21.04 -20.27 1.28
CA PHE A 282 21.35 -19.20 0.33
C PHE A 282 22.85 -18.89 0.33
N GLY A 283 23.24 -18.03 -0.61
CA GLY A 283 24.63 -17.65 -0.75
C GLY A 283 25.10 -16.62 0.29
N PRO A 284 26.40 -16.27 0.24
CA PRO A 284 27.04 -15.38 1.22
C PRO A 284 26.45 -13.99 1.34
N THR A 285 26.00 -13.42 0.21
CA THR A 285 25.47 -12.09 0.25
C THR A 285 24.20 -12.03 1.11
N VAL A 286 23.24 -12.94 0.84
CA VAL A 286 22.00 -13.00 1.60
C VAL A 286 22.29 -13.36 3.05
N ARG A 287 23.16 -14.35 3.28
CA ARG A 287 23.47 -14.71 4.65
C ARG A 287 24.08 -13.55 5.44
N SER A 288 24.96 -12.78 4.79
CA SER A 288 25.57 -11.60 5.37
C SER A 288 24.53 -10.50 5.61
N ALA A 289 23.61 -10.31 4.66
CA ALA A 289 22.61 -9.26 4.81
C ALA A 289 21.71 -9.56 6.01
N VAL A 290 21.28 -10.82 6.11
CA VAL A 290 20.42 -11.22 7.20
C VAL A 290 21.15 -11.11 8.55
N SER A 291 22.46 -11.35 8.54
CA SER A 291 23.28 -11.28 9.73
C SER A 291 23.31 -9.85 10.27
N MET A 292 22.98 -8.86 9.43
CA MET A 292 23.04 -7.45 9.82
C MET A 292 21.79 -6.98 10.54
N PHE A 293 20.77 -7.82 10.61
CA PHE A 293 19.61 -7.56 11.45
C PHE A 293 20.01 -7.49 12.92
N PRO A 294 19.25 -6.76 13.77
CA PRO A 294 19.34 -6.90 15.23
C PRO A 294 19.00 -8.31 15.67
N GLU A 295 19.50 -8.73 16.85
CA GLU A 295 19.22 -10.07 17.35
C GLU A 295 17.73 -10.25 17.64
N LYS A 296 17.07 -9.19 18.10
CA LYS A 296 15.65 -9.20 18.42
C LYS A 296 14.96 -8.24 17.47
N LEU A 297 13.88 -8.72 16.87
CA LEU A 297 13.12 -7.86 15.94
C LEU A 297 11.65 -8.29 15.89
N GLU A 298 10.87 -7.62 15.07
CA GLU A 298 9.47 -7.98 14.90
C GLU A 298 9.27 -8.63 13.53
N LYS A 299 8.22 -9.44 13.43
CA LYS A 299 7.83 -9.98 12.14
C LYS A 299 6.42 -9.49 11.86
N TRP A 300 6.24 -9.02 10.62
CA TRP A 300 4.96 -8.49 10.12
C TRP A 300 4.27 -9.53 9.27
N ALA A 301 3.10 -9.98 9.72
CA ALA A 301 2.27 -10.89 8.96
C ALA A 301 1.51 -10.10 7.89
N VAL A 302 1.78 -10.36 6.60
CA VAL A 302 1.14 -9.61 5.53
C VAL A 302 -0.22 -10.27 5.23
N PHE A 303 -1.29 -9.47 5.32
CA PHE A 303 -2.64 -9.89 4.99
C PHE A 303 -3.06 -9.22 3.68
N ASP A 304 -3.92 -9.89 2.92
CA ASP A 304 -4.51 -9.30 1.73
C ASP A 304 -5.95 -9.79 1.54
N MET A 305 -6.61 -9.26 0.50
CA MET A 305 -7.99 -9.55 0.24
C MET A 305 -8.12 -10.43 -1.00
N LEU A 306 -7.16 -11.35 -1.20
CA LEU A 306 -7.18 -12.24 -2.35
C LEU A 306 -8.31 -13.25 -2.23
N GLU A 307 -8.47 -13.88 -1.06
CA GLU A 307 -9.36 -15.03 -0.94
C GLU A 307 -10.81 -14.60 -0.76
N ALA A 308 -11.05 -13.45 -0.13
CA ALA A 308 -12.37 -12.95 0.22
C ALA A 308 -12.50 -11.49 -0.21
N PRO A 309 -12.47 -11.15 -1.52
CA PRO A 309 -12.56 -9.77 -1.97
C PRO A 309 -13.95 -9.21 -1.75
N VAL A 310 -14.03 -7.88 -1.73
CA VAL A 310 -15.34 -7.27 -1.86
C VAL A 310 -15.81 -7.40 -3.30
N PRO A 311 -17.13 -7.54 -3.53
CA PRO A 311 -17.72 -7.66 -4.86
C PRO A 311 -17.76 -6.38 -5.66
N THR A 312 -17.66 -5.25 -4.96
CA THR A 312 -17.69 -3.93 -5.57
C THR A 312 -17.10 -2.97 -4.54
N PHE A 313 -16.79 -1.75 -4.97
CA PHE A 313 -16.26 -0.75 -4.08
C PHE A 313 -17.31 0.30 -3.71
N ALA A 314 -18.53 0.14 -4.20
CA ALA A 314 -19.59 1.12 -3.95
C ALA A 314 -20.95 0.44 -3.77
N LYS A 315 -21.75 1.05 -2.89
CA LYS A 315 -23.10 0.60 -2.59
C LYS A 315 -23.83 1.80 -2.03
N GLY A 316 -24.80 2.28 -2.84
CA GLY A 316 -25.54 3.48 -2.51
C GLY A 316 -24.58 4.65 -2.35
N ARG A 317 -24.72 5.38 -1.23
CA ARG A 317 -23.91 6.54 -0.96
C ARG A 317 -22.55 6.23 -0.32
N VAL A 318 -22.19 4.95 -0.21
CA VAL A 318 -21.04 4.52 0.55
C VAL A 318 -20.08 3.79 -0.39
N CYS A 319 -18.79 4.06 -0.21
CA CYS A 319 -17.75 3.36 -0.95
C CYS A 319 -16.50 3.15 -0.11
N LEU A 320 -15.58 2.38 -0.71
CA LEU A 320 -14.32 2.01 -0.11
C LEU A 320 -13.16 2.45 -1.02
N ALA A 321 -12.05 2.83 -0.39
CA ALA A 321 -10.78 3.17 -1.01
C ALA A 321 -9.61 2.63 -0.19
N GLY A 322 -8.47 2.37 -0.85
CA GLY A 322 -7.26 2.00 -0.15
C GLY A 322 -7.39 0.56 0.36
N ASP A 323 -6.77 0.30 1.51
CA ASP A 323 -6.72 -1.05 2.08
C ASP A 323 -8.11 -1.55 2.45
N ALA A 324 -9.01 -0.63 2.76
CA ALA A 324 -10.41 -1.03 2.96
C ALA A 324 -10.97 -1.76 1.74
N ALA A 325 -10.59 -1.35 0.52
CA ALA A 325 -11.11 -1.90 -0.72
C ALA A 325 -10.29 -3.09 -1.23
N HIS A 326 -8.96 -3.03 -1.05
CA HIS A 326 -8.11 -3.99 -1.75
C HIS A 326 -6.74 -4.15 -1.06
N ALA A 327 -6.70 -4.37 0.26
CA ALA A 327 -5.44 -4.62 0.94
C ALA A 327 -4.65 -5.68 0.16
N SER A 328 -3.39 -5.34 -0.13
CA SER A 328 -2.53 -6.11 -1.01
C SER A 328 -1.23 -6.48 -0.28
N THR A 329 -0.56 -7.55 -0.75
CA THR A 329 0.84 -7.70 -0.41
C THR A 329 1.63 -6.55 -1.03
N PRO A 330 2.82 -6.20 -0.50
CA PRO A 330 3.65 -5.11 -1.03
C PRO A 330 4.65 -5.52 -2.11
N ASN A 331 4.47 -6.69 -2.75
CA ASN A 331 5.50 -7.26 -3.59
C ASN A 331 5.65 -6.49 -4.90
N GLN A 332 4.69 -5.63 -5.23
CA GLN A 332 4.78 -4.79 -6.45
C GLN A 332 4.69 -3.33 -6.01
N GLY A 333 5.17 -3.04 -4.83
CA GLY A 333 5.10 -1.71 -4.25
C GLY A 333 3.95 -1.61 -3.23
N GLY A 334 4.01 -0.59 -2.41
CA GLY A 334 3.05 -0.46 -1.32
C GLY A 334 1.65 -0.25 -1.89
N GLY A 335 0.70 -1.00 -1.35
CA GLY A 335 -0.71 -0.86 -1.69
C GLY A 335 -1.22 0.55 -1.49
N ALA A 336 -0.56 1.28 -0.58
CA ALA A 336 -0.93 2.67 -0.30
C ALA A 336 -0.89 3.46 -1.59
N GLY A 337 0.05 3.14 -2.47
CA GLY A 337 0.11 3.84 -3.75
C GLY A 337 -1.18 3.72 -4.59
N PHE A 338 -1.81 2.55 -4.58
CA PHE A 338 -3.03 2.34 -5.35
C PHE A 338 -4.20 2.95 -4.58
N GLY A 339 -4.07 3.06 -3.26
CA GLY A 339 -5.01 3.89 -2.51
C GLY A 339 -5.00 5.33 -2.98
N ILE A 340 -3.80 5.84 -3.32
CA ILE A 340 -3.70 7.21 -3.83
C ILE A 340 -4.37 7.32 -5.20
N GLU A 341 -4.27 6.29 -6.06
CA GLU A 341 -5.02 6.28 -7.31
C GLU A 341 -6.53 6.33 -7.04
N ASP A 342 -6.98 5.56 -6.04
CA ASP A 342 -8.39 5.56 -5.71
C ASP A 342 -8.83 6.97 -5.33
N ALA A 343 -8.03 7.61 -4.47
CA ALA A 343 -8.32 8.95 -3.98
C ALA A 343 -8.42 9.95 -5.13
N LEU A 344 -7.53 9.83 -6.12
CA LEU A 344 -7.58 10.72 -7.27
C LEU A 344 -8.89 10.62 -8.04
N VAL A 345 -9.32 9.39 -8.34
CA VAL A 345 -10.57 9.20 -9.06
C VAL A 345 -11.74 9.77 -8.25
N LEU A 346 -11.75 9.50 -6.94
CA LEU A 346 -12.79 10.04 -6.09
C LEU A 346 -12.76 11.56 -6.08
N ALA A 347 -11.58 12.14 -5.88
CA ALA A 347 -11.47 13.61 -5.83
C ALA A 347 -12.11 14.20 -7.07
N GLU A 348 -11.77 13.64 -8.23
CA GLU A 348 -12.24 14.17 -9.52
C GLU A 348 -13.74 14.00 -9.69
N VAL A 349 -14.29 12.82 -9.33
CA VAL A 349 -15.71 12.58 -9.52
C VAL A 349 -16.51 13.42 -8.53
N LEU A 350 -16.08 13.47 -7.27
CA LEU A 350 -16.79 14.22 -6.25
C LEU A 350 -16.77 15.72 -6.58
N ALA A 351 -15.71 16.21 -7.23
CA ALA A 351 -15.67 17.62 -7.61
C ALA A 351 -16.75 17.97 -8.63
N VAL A 352 -17.05 17.04 -9.54
CA VAL A 352 -18.11 17.23 -10.52
C VAL A 352 -19.45 17.35 -9.78
N LEU A 353 -19.69 16.47 -8.81
CA LEU A 353 -20.93 16.49 -8.05
C LEU A 353 -21.03 17.76 -7.21
N ALA A 354 -19.92 18.19 -6.64
CA ALA A 354 -19.94 19.35 -5.78
C ALA A 354 -20.32 20.62 -6.56
N GLU A 355 -20.09 20.60 -7.87
CA GLU A 355 -20.34 21.75 -8.74
C GLU A 355 -21.84 21.92 -8.99
N ALA A 356 -22.62 20.83 -8.84
CA ALA A 356 -24.07 20.90 -8.99
C ALA A 356 -24.68 21.54 -7.75
N PRO A 357 -25.85 22.21 -7.84
CA PRO A 357 -26.47 22.86 -6.68
C PRO A 357 -27.10 21.89 -5.69
N ASN A 358 -27.74 20.86 -6.23
CA ASN A 358 -28.32 19.81 -5.43
C ASN A 358 -27.89 18.47 -6.04
N VAL A 359 -27.52 17.54 -5.17
CA VAL A 359 -27.13 16.22 -5.62
C VAL A 359 -28.07 15.21 -4.97
N SER A 360 -28.80 14.46 -5.80
CA SER A 360 -29.71 13.44 -5.31
C SER A 360 -28.94 12.21 -4.82
N GLY A 361 -29.61 11.38 -4.01
CA GLY A 361 -29.12 10.05 -3.64
C GLY A 361 -28.78 9.20 -4.87
N ILE A 362 -29.66 9.24 -5.86
CA ILE A 362 -29.48 8.54 -7.13
C ILE A 362 -28.17 8.97 -7.79
N VAL A 363 -27.95 10.28 -7.86
CA VAL A 363 -26.80 10.80 -8.58
C VAL A 363 -25.52 10.52 -7.80
N ALA A 364 -25.58 10.65 -6.48
CA ALA A 364 -24.47 10.32 -5.61
C ALA A 364 -24.09 8.85 -5.80
N SER A 365 -25.09 7.98 -5.82
CA SER A 365 -24.86 6.54 -5.99
C SER A 365 -24.26 6.20 -7.35
N GLU A 366 -24.75 6.87 -8.39
CA GLU A 366 -24.23 6.63 -9.73
C GLU A 366 -22.76 7.04 -9.81
N ALA A 367 -22.40 8.16 -9.17
CA ALA A 367 -21.04 8.66 -9.18
C ALA A 367 -20.09 7.65 -8.53
N LEU A 368 -20.47 7.15 -7.36
CA LEU A 368 -19.63 6.16 -6.70
C LEU A 368 -19.52 4.89 -7.53
N ALA A 369 -20.62 4.46 -8.17
CA ALA A 369 -20.58 3.31 -9.06
C ALA A 369 -19.57 3.51 -10.18
N VAL A 370 -19.47 4.73 -10.73
CA VAL A 370 -18.48 4.99 -11.77
C VAL A 370 -17.05 4.81 -11.22
N TYR A 371 -16.76 5.35 -10.03
CA TYR A 371 -15.48 5.20 -9.35
C TYR A 371 -15.17 3.71 -9.26
N SER A 372 -16.12 2.92 -8.76
CA SER A 372 -15.88 1.48 -8.62
C SER A 372 -15.61 0.81 -9.96
N GLU A 373 -16.38 1.15 -11.01
CA GLU A 373 -16.17 0.54 -12.32
C GLU A 373 -14.76 0.82 -12.85
N VAL A 374 -14.27 2.04 -12.60
CA VAL A 374 -12.95 2.44 -13.05
C VAL A 374 -11.85 1.71 -12.27
N ARG A 375 -12.04 1.46 -10.97
CA ARG A 375 -10.94 1.00 -10.12
C ARG A 375 -11.00 -0.50 -9.80
N TYR A 376 -12.16 -1.14 -9.98
CA TYR A 376 -12.40 -2.44 -9.35
C TYR A 376 -11.47 -3.51 -9.92
N GLU A 377 -11.52 -3.75 -11.22
CA GLU A 377 -10.75 -4.90 -11.73
C GLU A 377 -9.24 -4.64 -11.65
N ARG A 378 -8.79 -3.40 -11.90
CA ARG A 378 -7.37 -3.06 -11.79
C ARG A 378 -6.86 -3.30 -10.36
N SER A 379 -7.72 -3.00 -9.37
CA SER A 379 -7.43 -3.24 -7.97
C SER A 379 -7.35 -4.71 -7.65
N GLN A 380 -8.29 -5.49 -8.20
CA GLN A 380 -8.30 -6.92 -7.95
C GLN A 380 -7.04 -7.55 -8.55
N TRP A 381 -6.66 -7.08 -9.73
CA TRP A 381 -5.45 -7.56 -10.38
C TRP A 381 -4.19 -7.24 -9.57
N LEU A 382 -4.11 -6.06 -8.94
CA LEU A 382 -3.00 -5.71 -8.04
C LEU A 382 -2.85 -6.77 -6.95
N VAL A 383 -3.97 -7.12 -6.29
CA VAL A 383 -3.92 -8.06 -5.19
C VAL A 383 -3.39 -9.42 -5.69
N ARG A 384 -3.90 -9.87 -6.83
CA ARG A 384 -3.57 -11.21 -7.30
C ARG A 384 -2.15 -11.20 -7.86
N SER A 385 -1.79 -10.17 -8.62
CA SER A 385 -0.45 -10.10 -9.26
C SER A 385 0.67 -9.94 -8.21
N SER A 386 0.42 -9.12 -7.19
CA SER A 386 1.43 -8.91 -6.14
C SER A 386 1.62 -10.23 -5.38
N ARG A 387 0.54 -10.95 -5.12
CA ARG A 387 0.68 -12.28 -4.47
C ARG A 387 1.55 -13.18 -5.35
N ARG A 388 1.27 -13.21 -6.64
CA ARG A 388 2.02 -14.10 -7.56
C ARG A 388 3.51 -13.69 -7.59
N THR A 389 3.79 -12.39 -7.60
CA THR A 389 5.19 -11.90 -7.61
C THR A 389 5.95 -12.47 -6.42
N GLY A 390 5.30 -12.53 -5.25
CA GLY A 390 5.94 -13.13 -4.07
C GLY A 390 6.22 -14.61 -4.30
N GLU A 391 5.28 -15.30 -4.95
CA GLU A 391 5.46 -16.72 -5.24
C GLU A 391 6.59 -16.93 -6.26
N LEU A 392 6.70 -16.01 -7.20
CA LEU A 392 7.80 -16.07 -8.16
C LEU A 392 9.14 -15.86 -7.43
N CYS A 393 9.21 -14.86 -6.55
CA CYS A 393 10.45 -14.49 -5.92
C CYS A 393 10.91 -15.51 -4.87
N THR A 394 10.01 -16.38 -4.41
CA THR A 394 10.32 -17.42 -3.42
C THR A 394 10.30 -18.81 -4.06
N TRP A 395 10.36 -18.86 -5.40
CA TRP A 395 10.50 -20.10 -6.16
C TRP A 395 9.48 -21.14 -5.72
N LYS A 396 8.23 -20.71 -5.57
CA LYS A 396 7.21 -21.58 -5.01
C LYS A 396 6.97 -22.82 -5.89
N ASP A 397 6.88 -22.63 -7.21
CA ASP A 397 6.53 -23.75 -8.07
C ASP A 397 7.62 -24.02 -9.10
N ARG A 398 8.65 -23.20 -9.13
CA ARG A 398 9.74 -23.38 -10.08
C ARG A 398 11.00 -22.79 -9.48
N ASP A 399 12.15 -23.35 -9.87
CA ASP A 399 13.43 -22.75 -9.60
C ASP A 399 13.69 -21.69 -10.67
N TRP A 400 13.35 -20.44 -10.36
CA TRP A 400 13.50 -19.38 -11.36
C TRP A 400 14.95 -18.98 -11.56
N GLY A 401 15.87 -19.40 -10.68
CA GLY A 401 17.29 -19.17 -10.90
C GLY A 401 17.75 -19.81 -12.20
N LEU A 402 17.03 -20.85 -12.67
CA LEU A 402 17.36 -21.54 -13.91
C LEU A 402 16.50 -21.09 -15.09
N ALA A 403 15.69 -20.01 -14.90
CA ALA A 403 14.74 -19.60 -15.90
C ALA A 403 14.63 -18.07 -15.91
N ALA A 404 15.80 -17.44 -16.00
CA ALA A 404 15.94 -16.00 -15.88
C ALA A 404 15.14 -15.26 -16.94
N GLU A 405 15.23 -15.71 -18.20
CA GLU A 405 14.56 -14.96 -19.26
C GLU A 405 13.04 -15.09 -19.13
N GLU A 406 12.53 -16.27 -18.77
CA GLU A 406 11.10 -16.46 -18.57
C GLU A 406 10.62 -15.64 -17.37
N LEU A 407 11.43 -15.61 -16.31
CA LEU A 407 11.08 -14.83 -15.12
C LEU A 407 11.02 -13.35 -15.46
N SER A 408 12.01 -12.88 -16.22
CA SER A 408 12.10 -11.46 -16.56
C SER A 408 10.86 -11.04 -17.35
N ARG A 409 10.41 -11.87 -18.31
CA ARG A 409 9.26 -11.51 -19.10
C ARG A 409 7.99 -11.39 -18.26
N ASP A 410 7.86 -12.29 -17.29
CA ASP A 410 6.72 -12.31 -16.40
C ASP A 410 6.73 -11.06 -15.50
N ILE A 411 7.82 -10.82 -14.76
CA ILE A 411 7.89 -9.66 -13.88
C ILE A 411 7.86 -8.33 -14.65
N ILE A 412 8.56 -8.21 -15.78
CA ILE A 412 8.55 -6.93 -16.49
C ILE A 412 7.13 -6.60 -16.96
N SER A 413 6.40 -7.62 -17.41
CA SER A 413 5.03 -7.44 -17.88
C SER A 413 4.12 -7.02 -16.74
N ARG A 414 4.16 -7.74 -15.60
CA ARG A 414 3.29 -7.40 -14.48
C ARG A 414 3.62 -5.99 -13.97
N SER A 415 4.90 -5.60 -13.99
CA SER A 415 5.31 -4.28 -13.50
C SER A 415 4.81 -3.16 -14.42
N HIS A 416 4.96 -3.38 -15.74
CA HIS A 416 4.39 -2.50 -16.73
C HIS A 416 2.90 -2.26 -16.50
N GLN A 417 2.12 -3.33 -16.28
CA GLN A 417 0.69 -3.23 -16.14
C GLN A 417 0.35 -2.38 -14.90
N LEU A 418 1.13 -2.56 -13.83
CA LEU A 418 0.83 -1.88 -12.57
C LEU A 418 1.40 -0.46 -12.55
N TRP A 419 2.60 -0.24 -13.07
CA TRP A 419 3.33 0.97 -12.77
C TRP A 419 3.24 1.99 -13.91
N ASP A 420 2.96 1.53 -15.13
CA ASP A 420 3.07 2.39 -16.30
C ASP A 420 1.71 2.79 -16.83
N HIS A 421 0.66 2.46 -16.06
CA HIS A 421 -0.74 2.83 -16.24
C HIS A 421 -0.89 4.30 -16.60
N ASP A 422 -1.85 4.64 -17.47
CA ASP A 422 -2.08 6.03 -17.88
C ASP A 422 -2.98 6.70 -16.83
N THR A 423 -2.34 7.35 -15.84
CA THR A 423 -3.02 7.99 -14.72
C THR A 423 -3.97 9.07 -15.24
N ALA A 424 -3.49 9.89 -16.19
CA ALA A 424 -4.30 10.93 -16.80
C ALA A 424 -5.53 10.33 -17.48
N GLY A 425 -5.31 9.23 -18.18
CA GLY A 425 -6.35 8.59 -18.97
C GLY A 425 -7.40 7.97 -18.06
N MET A 426 -6.93 7.51 -16.88
CA MET A 426 -7.82 6.95 -15.89
C MET A 426 -8.85 7.97 -15.43
N VAL A 427 -8.38 9.17 -15.15
CA VAL A 427 -9.24 10.23 -14.65
C VAL A 427 -10.19 10.70 -15.76
N SER A 428 -9.64 10.95 -16.94
CA SER A 428 -10.47 11.42 -18.05
C SER A 428 -11.56 10.39 -18.38
N ASP A 429 -11.22 9.09 -18.42
CA ASP A 429 -12.18 8.02 -18.56
C ASP A 429 -13.29 8.09 -17.51
N ALA A 430 -12.93 8.23 -16.23
CA ALA A 430 -13.92 8.32 -15.16
C ALA A 430 -14.89 9.46 -15.41
N LEU A 431 -14.35 10.62 -15.77
CA LEU A 431 -15.19 11.78 -15.96
C LEU A 431 -16.04 11.69 -17.24
N ALA A 432 -15.54 11.05 -18.29
CA ALA A 432 -16.33 10.82 -19.49
C ALA A 432 -17.53 9.95 -19.15
N ILE A 433 -17.27 8.84 -18.45
CA ILE A 433 -18.32 7.91 -18.07
C ILE A 433 -19.33 8.61 -17.16
N LEU A 434 -18.82 9.33 -16.15
CA LEU A 434 -19.66 10.08 -15.24
C LEU A 434 -20.56 11.02 -16.04
N GLY A 435 -19.98 11.76 -16.99
CA GLY A 435 -20.74 12.73 -17.77
C GLY A 435 -21.87 12.07 -18.56
N GLU A 436 -21.60 10.86 -19.08
CA GLU A 436 -22.62 10.14 -19.83
C GLU A 436 -23.72 9.65 -18.88
N ARG A 437 -23.35 9.25 -17.65
CA ARG A 437 -24.29 8.57 -16.78
C ARG A 437 -25.15 9.45 -15.89
N VAL A 438 -24.81 10.73 -15.66
CA VAL A 438 -25.57 11.56 -14.74
C VAL A 438 -26.39 12.62 -15.50
PA FAD B . -4.66 2.77 7.00
O1A FAD B . -5.03 1.54 7.73
O2A FAD B . -3.25 3.22 6.86
O5B FAD B . -5.42 3.99 7.71
C5B FAD B . -6.75 3.73 8.20
C4B FAD B . -7.11 4.84 9.15
O4B FAD B . -8.50 4.75 9.52
C3B FAD B . -6.29 4.84 10.44
O3B FAD B . -5.92 6.16 10.80
C2B FAD B . -7.26 4.22 11.45
O2B FAD B . -7.09 4.67 12.77
C1B FAD B . -8.59 4.74 10.92
N9A FAD B . -9.76 3.95 11.27
C8A FAD B . -9.89 2.58 11.26
N7A FAD B . -11.10 2.17 11.57
C5A FAD B . -11.80 3.36 11.82
C6A FAD B . -13.15 3.60 12.18
N6A FAD B . -14.07 2.67 12.39
N1A FAD B . -13.52 4.90 12.32
C2A FAD B . -12.60 5.86 12.12
N3A FAD B . -11.31 5.75 11.80
C4A FAD B . -10.99 4.45 11.62
N1 FAD B . 2.56 -1.20 3.94
C2 FAD B . 3.59 -1.33 3.05
O2 FAD B . 3.50 -0.99 1.87
N3 FAD B . 4.81 -1.78 3.54
C4 FAD B . 5.09 -2.18 4.83
O4 FAD B . 6.20 -2.56 5.17
C4X FAD B . 4.01 -2.07 5.71
N5 FAD B . 4.21 -2.46 6.96
C5X FAD B . 3.16 -2.36 7.81
C6 FAD B . 3.31 -2.78 9.15
C7 FAD B . 2.27 -2.72 10.05
C7M FAD B . 2.47 -3.18 11.47
C8 FAD B . 1.03 -2.15 9.65
C8M FAD B . -0.13 -2.01 10.59
C9 FAD B . 0.86 -1.74 8.35
C9A FAD B . 1.91 -1.83 7.42
N10 FAD B . 1.74 -1.43 6.08
C10 FAD B . 2.77 -1.54 5.20
C1' FAD B . 0.45 -0.92 5.59
C2' FAD B . 0.40 0.57 5.35
O2' FAD B . 0.47 1.26 6.60
C3' FAD B . -0.91 0.92 4.65
O3' FAD B . -1.01 0.08 3.48
C4' FAD B . -1.08 2.39 4.26
O4' FAD B . -1.16 3.22 5.43
C5' FAD B . -2.34 2.57 3.38
O5' FAD B . -3.50 2.22 4.13
P FAD B . -4.81 3.11 4.13
O1P FAD B . -4.48 4.56 4.04
O2P FAD B . -5.79 2.60 3.15
O3P FAD B . -5.38 2.70 5.57
C4 A1ITD C . 8.39 -6.21 -9.01
C14 A1ITD C . 9.95 -3.57 -5.75
C5 A1ITD C . 8.51 -5.42 -7.92
C6 A1ITD C . 9.41 -5.72 -6.85
C11 A1ITD C . 9.56 -3.26 -3.40
C7 A1ITD C . 9.46 -4.87 -5.65
C8 A1ITD C . 9.04 -5.35 -4.40
C9 A1ITD C . 9.07 -4.55 -3.26
C10 A1ITD C . 8.61 -5.10 -1.94
C12 A1ITD C . 10.00 -2.74 -4.63
C13 A1ITD C . 10.54 -1.34 -4.74
O1 A1ITD C . 10.16 -6.69 -6.92
O2 A1ITD C . 9.62 -2.45 -2.33
O3 A1ITD C . 10.36 -3.08 -6.95
#